data_5J2Y
#
_entry.id   5J2Y
#
_cell.length_a   97.245
_cell.length_b   52.983
_cell.length_c   69.809
_cell.angle_alpha   90.00
_cell.angle_beta   90.00
_cell.angle_gamma   90.00
#
_symmetry.space_group_name_H-M   'P 21 21 2'
#
loop_
_entity.id
_entity.type
_entity.pdbx_description
1 polymer 'Regulatory protein'
2 polymer 'DNA (26-MER)'
3 polymer 'DNA (26-MER)'
4 water water
#
loop_
_entity_poly.entity_id
_entity_poly.type
_entity_poly.pdbx_seq_one_letter_code
_entity_poly.pdbx_strand_id
1 'polypeptide(L)'
;(MSE)ASHERTQPQN(MSE)AFRAKATRTARRESQETFWSRFGISQSCGSRFENGENLPFPIYLLLHFYIEGQITDRQLA
DLRGKIRE
;
A,B
2 'polydeoxyribonucleotide'
;(DA)(DA)(DA)(DA)(DA)(DT)(DT)(DA)(DT)(DG)(DA)(DA)(DA)(DT)(DT)(DT)(DG)(DC)(DA)(DT)
(DA)(DA)(DA)(DT)(DT)(DC)
;
F,f
3 'polydeoxyribonucleotide'
;(DT)(DG)(DA)(DA)(DT)(DT)(DT)(DA)(DT)(DG)(DC)(DA)(DA)(DA)(DT)(DT)(DT)(DC)(DA)(DT)
(DA)(DA)(DT)(DT)(DT)(DT)
;
R,r
#
loop_
_chem_comp.id
_chem_comp.type
_chem_comp.name
_chem_comp.formula
DA DNA linking 2'-DEOXYADENOSINE-5'-MONOPHOSPHATE 'C10 H14 N5 O6 P'
DC DNA linking 2'-DEOXYCYTIDINE-5'-MONOPHOSPHATE 'C9 H14 N3 O7 P'
DG DNA linking 2'-DEOXYGUANOSINE-5'-MONOPHOSPHATE 'C10 H14 N5 O7 P'
DT DNA linking THYMIDINE-5'-MONOPHOSPHATE 'C10 H15 N2 O8 P'
#
# COMPACT_ATOMS: atom_id res chain seq x y z
N THR A 7 10.41 -25.91 -11.80
CA THR A 7 9.80 -24.62 -12.25
C THR A 7 8.39 -24.42 -11.69
N GLN A 8 7.57 -25.46 -11.86
CA GLN A 8 6.16 -25.52 -11.42
C GLN A 8 5.82 -25.09 -9.96
N PRO A 9 6.65 -25.36 -8.92
CA PRO A 9 6.13 -24.97 -7.57
C PRO A 9 5.79 -23.47 -7.39
N GLN A 10 6.51 -22.61 -8.11
CA GLN A 10 6.29 -21.15 -8.04
C GLN A 10 5.01 -20.74 -8.74
N ASN A 11 4.53 -21.54 -9.68
CA ASN A 11 3.32 -21.23 -10.47
C ASN A 11 2.04 -21.93 -10.04
N MSE A 12 2.22 -22.92 -9.21
CA MSE A 12 1.12 -23.80 -8.88
C MSE A 12 -0.01 -23.03 -8.20
O MSE A 12 -1.18 -23.26 -8.50
CB MSE A 12 1.67 -24.94 -8.03
CG MSE A 12 0.54 -25.79 -7.55
SE MSE A 12 -0.13 -26.90 -9.03
CE MSE A 12 1.27 -28.24 -8.92
N ALA A 13 0.35 -22.13 -7.30
CA ALA A 13 -0.65 -21.39 -6.56
C ALA A 13 -1.52 -20.56 -7.50
N PHE A 14 -0.88 -19.95 -8.51
CA PHE A 14 -1.64 -19.21 -9.51
C PHE A 14 -2.58 -20.12 -10.32
N ARG A 15 -2.10 -21.33 -10.61
CA ARG A 15 -2.92 -22.30 -11.33
C ARG A 15 -4.11 -22.53 -10.43
N ALA A 16 -3.82 -22.97 -9.20
CA ALA A 16 -4.85 -23.20 -8.17
C ALA A 16 -5.90 -22.11 -8.13
N LYS A 17 -5.48 -20.85 -8.21
CA LYS A 17 -6.38 -19.69 -8.23
C LYS A 17 -7.30 -19.69 -9.45
N ALA A 18 -6.74 -19.97 -10.62
CA ALA A 18 -7.54 -20.05 -11.84
C ALA A 18 -8.62 -21.14 -11.78
N THR A 19 -8.29 -22.29 -11.18
CA THR A 19 -9.28 -23.37 -11.02
C THR A 19 -10.42 -22.87 -10.17
N ARG A 20 -10.05 -22.38 -9.00
CA ARG A 20 -10.99 -21.88 -7.95
C ARG A 20 -11.90 -20.82 -8.50
N THR A 21 -11.31 -19.82 -9.14
CA THR A 21 -12.03 -18.75 -9.87
C THR A 21 -13.04 -19.33 -10.87
N ALA A 22 -12.56 -20.26 -11.68
CA ALA A 22 -13.42 -20.90 -12.69
C ALA A 22 -14.57 -21.66 -12.08
N ARG A 23 -14.41 -22.13 -10.85
CA ARG A 23 -15.48 -22.86 -10.15
CA ARG A 23 -15.49 -22.86 -10.16
C ARG A 23 -16.31 -21.93 -9.28
N ARG A 24 -15.99 -20.64 -9.36
CA ARG A 24 -16.64 -19.60 -8.59
C ARG A 24 -16.63 -19.98 -7.10
N GLU A 25 -15.47 -20.32 -6.57
CA GLU A 25 -15.32 -20.65 -5.14
C GLU A 25 -14.52 -19.58 -4.38
N SER A 26 -14.95 -19.27 -3.17
CA SER A 26 -14.14 -18.44 -2.32
C SER A 26 -12.79 -19.13 -1.95
N GLN A 27 -11.83 -18.32 -1.53
CA GLN A 27 -10.60 -18.81 -0.93
C GLN A 27 -10.90 -19.72 0.25
N GLU A 28 -11.84 -19.34 1.10
CA GLU A 28 -12.18 -20.15 2.28
C GLU A 28 -12.62 -21.51 1.84
N THR A 29 -13.51 -21.54 0.84
CA THR A 29 -14.14 -22.78 0.40
C THR A 29 -13.05 -23.68 -0.20
N PHE A 30 -12.25 -23.11 -1.08
CA PHE A 30 -11.26 -23.87 -1.82
C PHE A 30 -10.10 -24.34 -0.93
N TRP A 31 -9.52 -23.43 -0.17
CA TRP A 31 -8.34 -23.80 0.60
C TRP A 31 -8.60 -24.68 1.82
N SER A 32 -9.82 -24.59 2.36
CA SER A 32 -10.12 -25.35 3.55
C SER A 32 -10.31 -26.82 3.29
N ARG A 33 -10.53 -27.25 2.04
CA ARG A 33 -10.54 -28.71 1.71
C ARG A 33 -9.24 -29.36 2.05
N PHE A 34 -8.16 -28.56 2.07
CA PHE A 34 -6.81 -29.01 2.39
C PHE A 34 -6.40 -28.69 3.84
N GLY A 35 -7.29 -28.07 4.60
CA GLY A 35 -6.95 -27.62 5.95
C GLY A 35 -6.07 -26.39 5.95
N ILE A 36 -6.18 -25.59 4.91
CA ILE A 36 -5.40 -24.39 4.75
C ILE A 36 -6.34 -23.20 4.95
N SER A 37 -5.92 -22.26 5.76
CA SER A 37 -6.74 -21.12 6.07
C SER A 37 -6.83 -20.14 4.87
N GLN A 38 -7.88 -19.33 4.92
CA GLN A 38 -8.12 -18.31 3.93
C GLN A 38 -6.91 -17.39 3.76
N SER A 39 -6.36 -16.85 4.84
CA SER A 39 -5.19 -15.91 4.72
C SER A 39 -4.07 -16.55 4.05
N CYS A 40 -3.84 -17.78 4.43
CA CYS A 40 -2.73 -18.51 3.89
C CYS A 40 -2.96 -18.76 2.42
N GLY A 41 -4.19 -19.09 2.05
CA GLY A 41 -4.51 -19.21 0.67
C GLY A 41 -4.23 -17.91 -0.06
N SER A 42 -4.56 -16.79 0.58
CA SER A 42 -4.34 -15.47 -0.07
C SER A 42 -2.88 -15.22 -0.30
N ARG A 43 -2.07 -15.51 0.69
CA ARG A 43 -0.63 -15.27 0.53
C ARG A 43 -0.04 -16.20 -0.54
N PHE A 44 -0.50 -17.45 -0.63
CA PHE A 44 0.00 -18.36 -1.70
C PHE A 44 -0.36 -17.87 -3.12
N GLU A 45 -1.61 -17.50 -3.30
CA GLU A 45 -2.11 -17.00 -4.59
C GLU A 45 -1.44 -15.71 -5.07
N ASN A 46 -0.71 -15.04 -4.18
CA ASN A 46 0.02 -13.84 -4.47
C ASN A 46 1.51 -14.03 -4.35
N GLY A 47 1.94 -15.28 -4.39
CA GLY A 47 3.32 -15.63 -4.64
C GLY A 47 4.20 -15.81 -3.43
N GLU A 48 3.62 -16.02 -2.25
CA GLU A 48 4.43 -16.47 -1.13
C GLU A 48 4.93 -17.89 -1.47
N ASN A 49 6.08 -18.25 -0.91
CA ASN A 49 6.62 -19.58 -1.13
C ASN A 49 5.63 -20.69 -0.75
N LEU A 50 5.32 -21.53 -1.72
CA LEU A 50 4.44 -22.64 -1.54
C LEU A 50 5.27 -23.79 -0.96
N PRO A 51 5.03 -24.20 0.27
CA PRO A 51 5.75 -25.33 0.79
C PRO A 51 5.52 -26.62 -0.03
N PHE A 52 6.51 -27.49 -0.09
CA PHE A 52 6.46 -28.60 -1.02
C PHE A 52 5.26 -29.53 -0.79
N PRO A 53 4.96 -29.84 0.46
CA PRO A 53 3.80 -30.74 0.65
C PRO A 53 2.48 -30.18 0.08
N ILE A 54 2.31 -28.86 0.18
CA ILE A 54 1.09 -28.22 -0.35
C ILE A 54 1.15 -28.24 -1.86
N TYR A 55 2.34 -28.04 -2.41
CA TYR A 55 2.54 -28.19 -3.86
C TYR A 55 2.11 -29.58 -4.33
N LEU A 56 2.54 -30.61 -3.60
CA LEU A 56 2.18 -31.98 -3.98
C LEU A 56 0.65 -32.13 -3.99
N LEU A 57 -0.01 -31.67 -2.92
CA LEU A 57 -1.45 -31.85 -2.84
C LEU A 57 -2.17 -31.12 -3.93
N LEU A 58 -1.76 -29.88 -4.21
CA LEU A 58 -2.43 -29.12 -5.26
C LEU A 58 -2.26 -29.80 -6.60
N HIS A 59 -1.06 -30.31 -6.84
CA HIS A 59 -0.76 -31.09 -8.06
C HIS A 59 -1.74 -32.25 -8.28
N PHE A 60 -1.85 -33.11 -7.29
CA PHE A 60 -2.71 -34.27 -7.43
C PHE A 60 -4.18 -33.91 -7.53
N TYR A 61 -4.56 -32.83 -6.87
CA TYR A 61 -5.93 -32.35 -6.93
C TYR A 61 -6.32 -31.81 -8.30
N ILE A 62 -5.50 -30.93 -8.82
CA ILE A 62 -5.74 -30.27 -10.10
C ILE A 62 -5.79 -31.28 -11.28
N GLU A 63 -4.89 -32.25 -11.27
CA GLU A 63 -4.92 -33.31 -12.30
C GLU A 63 -6.09 -34.33 -12.11
N GLY A 64 -6.89 -34.15 -11.07
CA GLY A 64 -8.10 -34.97 -10.87
C GLY A 64 -7.87 -36.25 -10.09
N GLN A 65 -6.68 -36.43 -9.54
CA GLN A 65 -6.35 -37.69 -8.85
C GLN A 65 -6.85 -37.79 -7.41
N ILE A 66 -7.12 -36.65 -6.80
CA ILE A 66 -7.75 -36.53 -5.48
C ILE A 66 -9.03 -35.77 -5.68
N THR A 67 -10.13 -36.31 -5.14
CA THR A 67 -11.46 -35.74 -5.37
C THR A 67 -11.98 -34.98 -4.15
N ASP A 68 -12.87 -34.03 -4.41
CA ASP A 68 -13.50 -33.26 -3.37
C ASP A 68 -14.09 -34.21 -2.37
N ARG A 69 -14.61 -35.35 -2.82
CA ARG A 69 -15.31 -36.27 -1.91
C ARG A 69 -14.34 -36.98 -0.99
N GLN A 70 -13.28 -37.50 -1.57
CA GLN A 70 -12.16 -37.96 -0.78
C GLN A 70 -11.74 -36.94 0.30
N LEU A 71 -11.60 -35.68 -0.05
CA LEU A 71 -11.14 -34.68 0.96
C LEU A 71 -12.21 -34.50 2.04
N ALA A 72 -13.47 -34.32 1.63
CA ALA A 72 -14.60 -34.22 2.56
C ALA A 72 -14.72 -35.42 3.50
N ASP A 73 -14.44 -36.61 2.98
CA ASP A 73 -14.42 -37.80 3.86
C ASP A 73 -13.36 -37.68 4.91
N LEU A 74 -12.21 -37.15 4.52
CA LEU A 74 -11.08 -37.00 5.44
C LEU A 74 -11.25 -35.90 6.46
N ARG A 75 -11.93 -34.80 6.12
CA ARG A 75 -12.25 -33.75 7.14
CA ARG A 75 -12.17 -33.77 7.17
C ARG A 75 -12.99 -34.35 8.34
N GLY A 76 -14.05 -35.11 8.05
CA GLY A 76 -15.02 -35.55 9.08
C GLY A 76 -14.62 -36.71 10.02
N PRO B 9 19.40 21.03 3.60
CA PRO B 9 18.71 21.11 2.31
C PRO B 9 17.50 20.18 2.23
N GLN B 10 17.71 18.92 2.57
CA GLN B 10 16.72 17.86 2.32
C GLN B 10 15.50 17.88 3.28
N ASN B 11 15.69 18.40 4.49
CA ASN B 11 14.64 18.39 5.53
C ASN B 11 13.76 19.64 5.60
N MSE B 12 13.86 20.55 4.62
CA MSE B 12 13.20 21.86 4.75
C MSE B 12 11.69 21.73 4.91
O MSE B 12 11.07 22.44 5.74
CB MSE B 12 13.55 22.77 3.56
CG MSE B 12 12.80 24.10 3.64
SE MSE B 12 13.57 25.21 5.07
CE MSE B 12 15.12 25.86 4.04
N ALA B 13 11.07 20.87 4.12
CA ALA B 13 9.61 20.73 4.17
C ALA B 13 9.18 20.27 5.55
N PHE B 14 9.91 19.32 6.11
CA PHE B 14 9.63 18.81 7.47
C PHE B 14 9.74 19.93 8.51
N ARG B 15 10.76 20.77 8.34
CA ARG B 15 10.95 21.95 9.21
C ARG B 15 9.76 22.91 9.05
N ALA B 16 9.41 23.19 7.80
CA ALA B 16 8.19 23.98 7.48
C ALA B 16 6.94 23.45 8.17
N LYS B 17 6.78 22.14 8.19
CA LYS B 17 5.62 21.52 8.85
C LYS B 17 5.64 21.78 10.36
N ALA B 18 6.81 21.65 10.97
CA ALA B 18 6.97 21.92 12.40
C ALA B 18 6.61 23.37 12.77
N THR B 19 6.95 24.31 11.92
CA THR B 19 6.59 25.70 12.13
C THR B 19 5.06 25.86 12.13
N ARG B 20 4.48 25.41 11.02
CA ARG B 20 3.02 25.47 10.76
C ARG B 20 2.20 24.85 11.89
N THR B 21 2.58 23.63 12.27
CA THR B 21 1.97 22.92 13.41
C THR B 21 2.06 23.74 14.69
N ALA B 22 3.25 24.25 14.98
CA ALA B 22 3.49 25.08 16.17
C ALA B 22 2.63 26.35 16.16
N ARG B 23 2.23 26.82 14.99
CA ARG B 23 1.37 28.01 14.91
C ARG B 23 -0.10 27.65 14.80
N ARG B 24 -0.36 26.34 14.88
CA ARG B 24 -1.69 25.78 14.73
C ARG B 24 -2.37 26.27 13.45
N GLU B 25 -1.68 26.15 12.32
CA GLU B 25 -2.23 26.58 11.01
C GLU B 25 -2.49 25.39 10.07
N SER B 26 -3.62 25.46 9.37
CA SER B 26 -3.89 24.48 8.32
C SER B 26 -2.85 24.58 7.18
N GLN B 27 -2.72 23.50 6.43
CA GLN B 27 -1.93 23.51 5.22
C GLN B 27 -2.40 24.61 4.28
N GLU B 28 -3.70 24.76 4.11
CA GLU B 28 -4.24 25.79 3.21
C GLU B 28 -3.73 27.15 3.61
N THR B 29 -3.82 27.44 4.92
CA THR B 29 -3.49 28.74 5.47
C THR B 29 -2.01 28.99 5.25
N PHE B 30 -1.20 28.02 5.65
CA PHE B 30 0.24 28.18 5.63
C PHE B 30 0.78 28.26 4.20
N TRP B 31 0.38 27.33 3.35
CA TRP B 31 1.02 27.24 2.06
C TRP B 31 0.57 28.30 1.09
N SER B 32 -0.62 28.80 1.29
CA SER B 32 -1.17 29.77 0.35
C SER B 32 -0.52 31.15 0.48
N ARG B 33 0.17 31.42 1.59
CA ARG B 33 1.00 32.67 1.70
C ARG B 33 2.06 32.75 0.61
N PHE B 34 2.47 31.58 0.14
CA PHE B 34 3.48 31.45 -0.90
C PHE B 34 2.86 31.17 -2.28
N GLY B 35 1.53 31.10 -2.38
CA GLY B 35 0.86 30.82 -3.66
C GLY B 35 0.94 29.34 -3.99
N ILE B 36 1.01 28.52 -2.95
CA ILE B 36 1.13 27.10 -3.07
C ILE B 36 -0.16 26.45 -2.55
N SER B 37 -0.71 25.54 -3.32
CA SER B 37 -1.94 24.92 -2.96
C SER B 37 -1.80 23.94 -1.79
N GLN B 38 -2.92 23.71 -1.12
CA GLN B 38 -2.99 22.73 -0.08
C GLN B 38 -2.40 21.38 -0.48
N SER B 39 -2.83 20.80 -1.60
CA SER B 39 -2.33 19.45 -1.96
C SER B 39 -0.87 19.47 -2.09
N CYS B 40 -0.37 20.51 -2.69
CA CYS B 40 1.03 20.65 -2.99
C CYS B 40 1.78 20.76 -1.69
N GLY B 41 1.23 21.54 -0.76
CA GLY B 41 1.78 21.56 0.56
C GLY B 41 1.86 20.16 1.14
N SER B 42 0.79 19.39 0.97
CA SER B 42 0.71 18.04 1.56
C SER B 42 1.80 17.16 1.01
N ARG B 43 1.99 17.21 -0.29
CA ARG B 43 3.00 16.37 -0.92
C ARG B 43 4.41 16.77 -0.45
N PHE B 44 4.68 18.07 -0.29
CA PHE B 44 6.01 18.50 0.20
C PHE B 44 6.30 18.01 1.63
N GLU B 45 5.32 18.19 2.51
CA GLU B 45 5.44 17.80 3.91
C GLU B 45 5.61 16.29 4.13
N ASN B 46 5.34 15.51 3.09
CA ASN B 46 5.47 14.06 3.14
C ASN B 46 6.56 13.57 2.20
N GLY B 47 7.45 14.49 1.81
CA GLY B 47 8.73 14.14 1.21
C GLY B 47 8.85 14.17 -0.29
N GLU B 48 7.90 14.78 -0.99
CA GLU B 48 8.07 15.02 -2.43
C GLU B 48 9.21 16.04 -2.61
N ASN B 49 9.90 15.94 -3.76
CA ASN B 49 10.99 16.86 -4.11
C ASN B 49 10.53 18.31 -4.02
N LEU B 50 11.22 19.03 -3.16
CA LEU B 50 10.93 20.42 -2.93
C LEU B 50 11.68 21.22 -4.01
N PRO B 51 10.94 21.89 -4.93
CA PRO B 51 11.65 22.64 -5.95
C PRO B 51 12.49 23.77 -5.32
N PHE B 52 13.58 24.15 -5.97
CA PHE B 52 14.51 25.07 -5.31
C PHE B 52 13.85 26.43 -4.95
N PRO B 53 13.07 27.01 -5.87
CA PRO B 53 12.53 28.32 -5.54
C PRO B 53 11.69 28.31 -4.25
N ILE B 54 10.99 27.21 -4.03
CA ILE B 54 10.16 27.09 -2.83
C ILE B 54 11.05 26.88 -1.64
N TYR B 55 12.12 26.13 -1.82
CA TYR B 55 13.12 25.98 -0.77
C TYR B 55 13.66 27.36 -0.35
N LEU B 56 13.98 28.20 -1.32
CA LEU B 56 14.50 29.56 -1.04
C LEU B 56 13.48 30.35 -0.21
N LEU B 57 12.23 30.34 -0.63
CA LEU B 57 11.22 31.08 0.08
C LEU B 57 11.01 30.57 1.50
N LEU B 58 10.98 29.26 1.65
CA LEU B 58 10.79 28.72 3.01
C LEU B 58 11.96 29.10 3.90
N HIS B 59 13.17 29.02 3.34
CA HIS B 59 14.39 29.38 4.05
C HIS B 59 14.30 30.79 4.62
N PHE B 60 14.07 31.76 3.75
CA PHE B 60 14.04 33.15 4.17
C PHE B 60 12.89 33.44 5.16
N TYR B 61 11.79 32.72 5.03
CA TYR B 61 10.64 32.87 5.91
C TYR B 61 10.95 32.39 7.32
N ILE B 62 11.49 31.19 7.41
CA ILE B 62 11.74 30.53 8.67
C ILE B 62 12.79 31.31 9.49
N GLU B 63 13.81 31.86 8.83
CA GLU B 63 14.72 32.82 9.49
C GLU B 63 14.07 34.17 9.90
N GLY B 64 12.85 34.44 9.49
CA GLY B 64 12.19 35.73 9.74
C GLY B 64 12.63 36.84 8.80
N GLN B 65 13.30 36.50 7.71
CA GLN B 65 13.76 37.55 6.78
C GLN B 65 12.70 38.06 5.83
N ILE B 66 11.64 37.29 5.67
CA ILE B 66 10.39 37.76 5.03
C ILE B 66 9.22 37.39 5.96
N THR B 67 8.23 38.26 6.02
CA THR B 67 7.19 38.18 7.07
C THR B 67 5.82 37.86 6.53
N ASP B 68 4.98 37.32 7.40
CA ASP B 68 3.60 37.02 7.06
C ASP B 68 2.94 38.23 6.47
N ARG B 69 3.24 39.41 7.02
CA ARG B 69 2.57 40.62 6.63
C ARG B 69 2.98 41.00 5.22
N GLN B 70 4.28 40.99 5.00
CA GLN B 70 4.81 41.19 3.65
C GLN B 70 4.13 40.26 2.63
N LEU B 71 3.97 38.99 2.96
CA LEU B 71 3.38 38.04 1.97
C LEU B 71 1.91 38.36 1.74
N ALA B 72 1.16 38.57 2.82
CA ALA B 72 -0.26 39.00 2.76
C ALA B 72 -0.46 40.26 1.93
N ASP B 73 0.45 41.21 2.09
CA ASP B 73 0.36 42.45 1.31
C ASP B 73 0.51 42.16 -0.16
N LEU B 74 1.40 41.24 -0.50
CA LEU B 74 1.66 40.89 -1.90
C LEU B 74 0.53 40.07 -2.54
N ARG B 75 -0.06 39.18 -1.76
CA ARG B 75 -1.12 38.28 -2.26
C ARG B 75 -2.45 39.04 -2.52
N GLY B 76 -2.68 40.14 -1.83
CA GLY B 76 -3.91 40.93 -2.01
C GLY B 76 -3.81 41.86 -3.21
#